data_4MG2
#
_entry.id   4MG2
#
_cell.length_a   129.997
_cell.length_b   129.997
_cell.length_c   84.825
_cell.angle_alpha   90.00
_cell.angle_beta   90.00
_cell.angle_gamma   120.00
#
_symmetry.space_group_name_H-M   'P 63 2 2'
#
loop_
_entity.id
_entity.type
_entity.pdbx_description
1 polymer 'Alpha-ketoglutarate-dependent dioxygenase alkB homolog 2'
2 polymer DNA-1
3 polymer DNA-2
4 non-polymer 'MAGNESIUM ION'
5 water water
#
loop_
_entity_poly.entity_id
_entity_poly.type
_entity_poly.pdbx_seq_one_letter_code
_entity_poly.pdbx_strand_id
1 'polypeptide(L)'
;MSWRHIRAEGLDSSYTVLFGKAEADEIFQELEKEVEYFTGALARVQVAGKWHSVPRKQATYGDAGLTYTFSGLTLSPKPW
IPVLERIRDHVSGVTGQTFNFVLINRYKDGSDHICEHRDDERELAPGSPIASVSFGASRDFVFRHKDSRGKSPSRRVAVV
RLPLAHGSLLMMNHPTNTHWYHSLPVRKKVLAPRVNLTFRKILLM
;
A
2 'polydeoxyribonucleotide' (DT)(DC)(DG)(DA)(DC)(DA)(DG)(DT)(DG)(DA)(DG)(DA)(DC)(DA)(DT) B
3 'polydeoxyribonucleotide' (DC)(DT)(DG)(DT)(DC)(DT)(DC)(DA)(2YR)(DT)(DG)(DT)(DC)(DG)(DC) C
#
# COMPACT_ATOMS: atom_id res chain seq x y z
N MET A 1 18.81 5.79 -8.56
CA MET A 1 18.53 6.19 -7.13
C MET A 1 19.34 5.39 -6.11
N SER A 2 19.35 5.89 -4.86
CA SER A 2 20.04 5.24 -3.74
C SER A 2 19.16 4.29 -2.89
N TRP A 3 19.42 2.99 -3.02
CA TRP A 3 18.59 1.94 -2.45
C TRP A 3 19.22 1.30 -1.25
N ARG A 4 18.43 1.16 -0.19
CA ARG A 4 18.75 0.25 0.87
C ARG A 4 18.11 -1.11 0.59
N HIS A 5 18.92 -2.15 0.55
CA HIS A 5 18.43 -3.51 0.31
C HIS A 5 18.22 -4.21 1.64
N ILE A 6 17.00 -4.72 1.85
CA ILE A 6 16.61 -5.39 3.08
C ILE A 6 16.69 -6.87 2.74
N ARG A 7 17.65 -7.56 3.36
CA ARG A 7 17.93 -8.95 3.04
C ARG A 7 17.85 -9.79 4.30
N ALA A 8 17.20 -10.95 4.17
CA ALA A 8 17.19 -11.99 5.21
C ALA A 8 16.67 -13.26 4.54
N GLU A 9 16.54 -14.35 5.30
CA GLU A 9 16.04 -15.60 4.76
C GLU A 9 14.63 -15.42 4.24
N GLY A 10 14.49 -15.39 2.92
CA GLY A 10 13.19 -15.29 2.31
C GLY A 10 12.68 -13.86 2.25
N LEU A 11 13.51 -12.90 2.62
CA LEU A 11 13.11 -11.50 2.63
C LEU A 11 13.95 -10.68 1.66
N ASP A 12 13.27 -10.02 0.74
CA ASP A 12 13.95 -9.15 -0.22
C ASP A 12 13.07 -7.94 -0.51
N SER A 13 13.39 -6.85 0.15
CA SER A 13 12.70 -5.62 -0.07
C SER A 13 13.76 -4.60 -0.29
N SER A 14 13.39 -3.49 -0.88
CA SER A 14 14.31 -2.40 -1.00
C SER A 14 13.62 -1.06 -0.75
N TYR A 15 14.36 -0.11 -0.21
CA TYR A 15 13.83 1.11 0.28
C TYR A 15 14.65 2.28 -0.22
N THR A 16 13.98 3.34 -0.66
CA THR A 16 14.66 4.58 -1.04
C THR A 16 13.72 5.75 -0.76
N VAL A 17 14.29 6.94 -0.73
CA VAL A 17 13.52 8.16 -0.62
C VAL A 17 13.20 8.57 -2.04
N LEU A 18 11.92 8.52 -2.42
CA LEU A 18 11.51 8.78 -3.78
C LEU A 18 11.37 10.28 -4.07
N PHE A 19 10.80 11.01 -3.11
CA PHE A 19 10.57 12.44 -3.25
C PHE A 19 11.28 13.18 -2.13
N GLY A 20 12.00 14.23 -2.49
CA GLY A 20 12.59 15.12 -1.50
C GLY A 20 11.49 15.80 -0.70
N LYS A 21 11.89 16.40 0.42
CA LYS A 21 10.96 17.00 1.38
C LYS A 21 9.92 17.96 0.76
N ALA A 22 10.37 18.97 0.03
CA ALA A 22 9.44 19.95 -0.55
C ALA A 22 8.43 19.32 -1.50
N GLU A 23 8.85 18.43 -2.38
CA GLU A 23 7.91 17.80 -3.29
C GLU A 23 6.98 16.82 -2.54
N ALA A 24 7.50 16.14 -1.52
CA ALA A 24 6.67 15.23 -0.75
C ALA A 24 5.55 15.98 -0.03
N ASP A 25 5.87 17.16 0.51
CA ASP A 25 4.87 18.02 1.19
C ASP A 25 3.77 18.44 0.24
N GLU A 26 4.14 18.88 -0.96
CA GLU A 26 3.14 19.29 -1.94
C GLU A 26 2.25 18.13 -2.38
N ILE A 27 2.83 16.96 -2.62
CA ILE A 27 2.05 15.78 -3.01
C ILE A 27 1.14 15.35 -1.87
N PHE A 28 1.65 15.41 -0.64
CA PHE A 28 0.87 15.04 0.52
C PHE A 28 -0.37 15.93 0.62
N GLN A 29 -0.17 17.24 0.59
CA GLN A 29 -1.30 18.19 0.62
C GLN A 29 -2.29 17.89 -0.51
N GLU A 30 -1.78 17.59 -1.70
CA GLU A 30 -2.68 17.29 -2.82
C GLU A 30 -3.43 15.96 -2.61
N LEU A 31 -2.80 14.98 -1.97
CA LEU A 31 -3.47 13.72 -1.65
C LEU A 31 -4.62 13.92 -0.66
N GLU A 32 -4.36 14.74 0.36
CA GLU A 32 -5.36 15.03 1.38
C GLU A 32 -6.51 15.80 0.78
N LYS A 33 -6.22 16.71 -0.14
CA LYS A 33 -7.25 17.43 -0.83
C LYS A 33 -8.07 16.58 -1.83
N GLU A 34 -7.46 15.58 -2.49
CA GLU A 34 -8.08 14.96 -3.67
C GLU A 34 -8.57 13.53 -3.48
N VAL A 35 -7.96 12.75 -2.60
CA VAL A 35 -8.32 11.35 -2.48
C VAL A 35 -9.66 11.19 -1.77
N GLU A 36 -10.51 10.33 -2.35
CA GLU A 36 -11.84 10.03 -1.86
C GLU A 36 -11.88 8.60 -1.38
N TYR A 37 -11.96 8.45 -0.06
CA TYR A 37 -12.01 7.18 0.62
C TYR A 37 -13.43 6.71 0.76
N PHE A 38 -13.68 5.42 0.50
CA PHE A 38 -14.93 4.79 0.90
C PHE A 38 -15.13 5.08 2.39
N THR A 39 -16.34 5.46 2.76
CA THR A 39 -16.68 5.81 4.15
C THR A 39 -17.01 4.60 5.02
N GLY A 40 -17.56 3.55 4.42
CA GLY A 40 -18.03 2.40 5.18
C GLY A 40 -19.33 2.62 5.95
N ALA A 41 -20.17 3.53 5.45
CA ALA A 41 -21.56 3.65 5.91
C ALA A 41 -22.28 2.34 5.56
N LEU A 42 -22.08 1.90 4.32
CA LEU A 42 -22.48 0.58 3.87
C LEU A 42 -21.38 -0.40 4.28
N ALA A 43 -21.73 -1.43 5.04
CA ALA A 43 -20.75 -2.32 5.66
C ALA A 43 -20.65 -3.68 5.00
N ARG A 44 -21.77 -4.24 4.59
CA ARG A 44 -21.77 -5.53 3.93
C ARG A 44 -22.96 -5.67 3.00
N VAL A 45 -22.91 -6.73 2.20
CA VAL A 45 -23.81 -6.93 1.09
C VAL A 45 -24.03 -8.44 0.95
N GLN A 46 -25.26 -8.86 0.73
CA GLN A 46 -25.56 -10.29 0.65
C GLN A 46 -26.14 -10.71 -0.69
N VAL A 47 -25.56 -11.77 -1.26
CA VAL A 47 -26.09 -12.42 -2.44
C VAL A 47 -26.12 -13.92 -2.19
N ALA A 48 -27.19 -14.57 -2.60
CA ALA A 48 -27.31 -16.01 -2.43
C ALA A 48 -26.98 -16.45 -0.99
N GLY A 49 -27.59 -15.78 -0.01
CA GLY A 49 -27.41 -16.16 1.40
C GLY A 49 -26.05 -15.89 2.04
N LYS A 50 -25.03 -15.55 1.24
CA LYS A 50 -23.70 -15.27 1.78
C LYS A 50 -23.46 -13.76 1.86
N TRP A 51 -23.09 -13.30 3.05
CA TRP A 51 -22.66 -11.92 3.25
C TRP A 51 -21.27 -11.74 2.67
N HIS A 52 -20.97 -10.51 2.27
CA HIS A 52 -19.67 -10.10 1.75
C HIS A 52 -19.39 -8.70 2.25
N SER A 53 -18.23 -8.48 2.87
CA SER A 53 -17.90 -7.15 3.35
C SER A 53 -17.55 -6.24 2.18
N VAL A 54 -17.66 -4.94 2.43
CA VAL A 54 -17.37 -3.92 1.44
C VAL A 54 -16.24 -3.03 1.98
N PRO A 55 -15.29 -2.62 1.12
CA PRO A 55 -14.12 -1.94 1.66
C PRO A 55 -14.44 -0.59 2.32
N ARG A 56 -13.99 -0.42 3.56
CA ARG A 56 -14.14 0.83 4.28
C ARG A 56 -12.80 1.51 4.40
N LYS A 57 -12.81 2.83 4.55
CA LYS A 57 -11.61 3.58 4.96
C LYS A 57 -10.37 3.31 4.07
N GLN A 58 -10.61 3.06 2.80
CA GLN A 58 -9.55 2.99 1.83
C GLN A 58 -10.08 3.56 0.52
N ALA A 59 -9.20 3.77 -0.44
CA ALA A 59 -9.57 4.21 -1.76
C ALA A 59 -8.80 3.38 -2.77
N THR A 60 -9.45 3.03 -3.88
CA THR A 60 -8.79 2.33 -4.96
C THR A 60 -8.96 3.08 -6.26
N TYR A 61 -7.87 3.21 -7.00
CA TYR A 61 -7.88 3.78 -8.34
C TYR A 61 -7.11 2.83 -9.23
N GLY A 62 -7.43 2.82 -10.52
CA GLY A 62 -6.75 1.98 -11.48
C GLY A 62 -7.19 2.22 -12.90
N ASP A 63 -6.61 1.47 -13.84
CA ASP A 63 -6.91 1.65 -15.27
C ASP A 63 -8.39 1.42 -15.54
N ALA A 64 -8.91 2.16 -16.50
CA ALA A 64 -10.27 1.94 -17.00
C ALA A 64 -10.44 0.50 -17.45
N GLY A 65 -11.57 -0.10 -17.09
CA GLY A 65 -11.90 -1.48 -17.50
C GLY A 65 -11.41 -2.55 -16.55
N LEU A 66 -10.57 -2.16 -15.59
CA LEU A 66 -10.01 -3.13 -14.66
C LEU A 66 -11.05 -3.44 -13.59
N THR A 67 -11.02 -4.66 -13.08
CA THR A 67 -11.78 -5.04 -11.90
C THR A 67 -10.88 -5.78 -10.92
N TYR A 68 -11.24 -5.73 -9.64
CA TYR A 68 -10.51 -6.48 -8.61
C TYR A 68 -11.49 -7.11 -7.63
N THR A 69 -11.00 -8.10 -6.91
CA THR A 69 -11.79 -8.85 -5.95
C THR A 69 -11.55 -8.32 -4.56
N PHE A 70 -12.60 -8.31 -3.76
CA PHE A 70 -12.53 -7.97 -2.36
C PHE A 70 -13.64 -8.73 -1.66
N SER A 71 -13.28 -9.58 -0.70
CA SER A 71 -14.22 -10.43 0.04
C SER A 71 -15.31 -11.09 -0.81
N GLY A 72 -14.93 -11.59 -1.99
CA GLY A 72 -15.86 -12.29 -2.88
C GLY A 72 -16.57 -11.40 -3.89
N LEU A 73 -16.46 -10.07 -3.73
CA LEU A 73 -17.12 -9.11 -4.60
C LEU A 73 -16.14 -8.59 -5.63
N THR A 74 -16.54 -8.57 -6.90
CA THR A 74 -15.75 -7.93 -7.93
C THR A 74 -16.16 -6.45 -7.99
N LEU A 75 -15.15 -5.57 -7.97
CA LEU A 75 -15.35 -4.12 -7.99
C LEU A 75 -14.55 -3.48 -9.09
N SER A 76 -14.89 -2.26 -9.46
CA SER A 76 -14.07 -1.45 -10.36
C SER A 76 -13.44 -0.33 -9.56
N PRO A 77 -12.17 -0.04 -9.77
CA PRO A 77 -11.57 1.10 -9.10
C PRO A 77 -11.97 2.40 -9.77
N LYS A 78 -11.71 3.51 -9.10
CA LYS A 78 -11.93 4.84 -9.66
C LYS A 78 -10.87 5.12 -10.71
N PRO A 79 -11.24 5.82 -11.79
CA PRO A 79 -10.23 6.18 -12.76
C PRO A 79 -9.13 7.04 -12.15
N TRP A 80 -7.92 6.91 -12.67
CA TRP A 80 -6.78 7.71 -12.22
C TRP A 80 -7.08 9.19 -12.17
N ILE A 81 -6.57 9.84 -11.13
CA ILE A 81 -6.58 11.29 -11.05
C ILE A 81 -5.10 11.72 -11.17
N PRO A 82 -4.85 13.00 -11.48
CA PRO A 82 -3.49 13.45 -11.84
C PRO A 82 -2.37 13.21 -10.83
N VAL A 83 -2.64 13.40 -9.56
CA VAL A 83 -1.58 13.22 -8.54
C VAL A 83 -1.16 11.76 -8.40
N LEU A 84 -2.09 10.84 -8.60
CA LEU A 84 -1.78 9.42 -8.54
C LEU A 84 -0.95 9.00 -9.75
N GLU A 85 -1.29 9.50 -10.94
CA GLU A 85 -0.50 9.23 -12.15
C GLU A 85 0.92 9.78 -12.01
N ARG A 86 1.05 10.98 -11.47
CA ARG A 86 2.35 11.56 -11.14
C ARG A 86 3.18 10.64 -10.23
N ILE A 87 2.58 10.17 -9.15
CA ILE A 87 3.29 9.28 -8.23
C ILE A 87 3.60 7.95 -8.91
N ARG A 88 2.60 7.40 -9.59
CA ARG A 88 2.78 6.18 -10.36
C ARG A 88 3.95 6.30 -11.34
N ASP A 89 4.03 7.42 -12.06
CA ASP A 89 5.10 7.63 -13.02
C ASP A 89 6.49 7.73 -12.36
N HIS A 90 6.58 8.29 -11.16
CA HIS A 90 7.89 8.36 -10.51
C HIS A 90 8.32 6.96 -10.07
N VAL A 91 7.36 6.14 -9.71
CA VAL A 91 7.66 4.79 -9.23
C VAL A 91 8.16 3.95 -10.38
N SER A 92 7.46 4.06 -11.50
CA SER A 92 7.88 3.42 -12.73
C SER A 92 9.26 3.87 -13.24
N GLY A 93 9.51 5.18 -13.19
CA GLY A 93 10.77 5.75 -13.64
C GLY A 93 11.98 5.22 -12.87
N VAL A 94 11.73 4.70 -11.68
CA VAL A 94 12.79 4.32 -10.73
C VAL A 94 12.92 2.79 -10.56
N THR A 95 12.04 2.05 -11.20
CA THR A 95 12.00 0.60 -11.11
C THR A 95 11.95 -0.09 -12.48
N GLY A 96 11.46 0.56 -13.52
CA GLY A 96 11.25 -0.12 -14.83
C GLY A 96 9.97 -0.95 -14.87
N GLN A 97 9.12 -0.78 -13.86
CA GLN A 97 7.84 -1.48 -13.82
C GLN A 97 6.65 -0.62 -14.13
N THR A 98 5.56 -1.26 -14.53
CA THR A 98 4.29 -0.61 -14.69
C THR A 98 3.28 -1.14 -13.68
N PHE A 99 2.31 -0.31 -13.37
CA PHE A 99 1.29 -0.60 -12.39
C PHE A 99 -0.04 -0.15 -12.95
N ASN A 100 -1.09 -0.92 -12.67
CA ASN A 100 -2.41 -0.59 -13.20
C ASN A 100 -3.46 -0.36 -12.10
N PHE A 101 -3.00 -0.30 -10.86
CA PHE A 101 -3.88 -0.31 -9.71
C PHE A 101 -3.16 0.26 -8.51
N VAL A 102 -3.88 1.01 -7.69
CA VAL A 102 -3.35 1.46 -6.40
C VAL A 102 -4.42 1.45 -5.30
N LEU A 103 -4.00 0.93 -4.14
CA LEU A 103 -4.81 0.92 -2.94
C LEU A 103 -4.24 1.98 -2.00
N ILE A 104 -5.10 2.89 -1.57
CA ILE A 104 -4.67 3.96 -0.66
C ILE A 104 -5.31 3.76 0.69
N ASN A 105 -4.47 3.77 1.73
CA ASN A 105 -4.90 3.70 3.12
C ASN A 105 -4.43 4.91 3.86
N ARG A 106 -5.21 5.35 4.84
CA ARG A 106 -4.87 6.50 5.64
C ARG A 106 -4.85 6.10 7.11
N TYR A 107 -3.81 6.52 7.83
CA TYR A 107 -3.65 6.20 9.24
C TYR A 107 -3.60 7.53 9.96
N LYS A 108 -4.71 7.90 10.60
CA LYS A 108 -4.88 9.28 11.04
C LYS A 108 -3.94 9.66 12.17
N ASP A 109 -3.52 8.66 12.93
CA ASP A 109 -2.56 8.81 14.03
C ASP A 109 -1.99 7.44 14.39
N GLY A 110 -1.06 7.44 15.35
CA GLY A 110 -0.41 6.22 15.81
C GLY A 110 -1.28 5.05 16.23
N SER A 111 -2.56 5.29 16.54
CA SER A 111 -3.47 4.23 16.98
C SER A 111 -4.10 3.48 15.81
N ASP A 112 -4.19 4.14 14.65
CA ASP A 112 -4.51 3.41 13.42
C ASP A 112 -3.30 2.55 13.11
N HIS A 113 -3.55 1.28 12.79
CA HIS A 113 -2.51 0.29 12.64
C HIS A 113 -2.97 -0.80 11.69
N ILE A 114 -2.10 -1.74 11.40
CA ILE A 114 -2.53 -2.91 10.65
C ILE A 114 -1.85 -4.15 11.24
N CYS A 115 -2.69 -5.13 11.55
CA CYS A 115 -2.27 -6.36 12.20
C CYS A 115 -1.58 -7.26 11.20
N GLU A 116 -0.75 -8.16 11.71
CA GLU A 116 0.04 -9.08 10.90
C GLU A 116 -0.75 -9.75 9.76
N HIS A 117 -0.32 -9.53 8.52
CA HIS A 117 -1.02 -10.04 7.34
C HIS A 117 -0.06 -10.27 6.15
N ARG A 118 -0.51 -11.10 5.22
CA ARG A 118 0.16 -11.32 3.92
C ARG A 118 -0.80 -10.94 2.80
N ASP A 119 -0.35 -10.07 1.88
CA ASP A 119 -1.17 -9.65 0.73
C ASP A 119 -1.72 -10.84 -0.08
N ASP A 120 -2.94 -10.70 -0.55
CA ASP A 120 -3.58 -11.71 -1.34
C ASP A 120 -2.83 -11.85 -2.64
N GLU A 121 -2.35 -13.06 -2.98
CA GLU A 121 -1.63 -13.24 -4.21
C GLU A 121 -2.51 -13.68 -5.36
N ARG A 122 -3.68 -14.23 -5.03
CA ARG A 122 -4.64 -14.73 -6.04
C ARG A 122 -4.71 -13.91 -7.34
N GLU A 123 -4.70 -12.58 -7.23
CA GLU A 123 -4.95 -11.65 -8.36
C GLU A 123 -3.69 -10.90 -8.89
N LEU A 124 -2.55 -11.06 -8.23
CA LEU A 124 -1.29 -10.33 -8.59
C LEU A 124 -0.53 -11.01 -9.71
N ALA A 125 0.29 -10.23 -10.41
CA ALA A 125 1.21 -10.78 -11.42
C ALA A 125 2.28 -11.69 -10.78
N SER A 128 5.34 -10.27 -9.28
CA SER A 128 5.57 -8.84 -9.43
C SER A 128 5.93 -8.17 -8.10
N PRO A 129 6.79 -7.16 -8.12
CA PRO A 129 6.99 -6.45 -6.85
C PRO A 129 5.80 -5.54 -6.48
N ILE A 130 5.45 -5.52 -5.20
CA ILE A 130 4.49 -4.54 -4.64
C ILE A 130 5.22 -3.26 -4.24
N ALA A 131 4.76 -2.11 -4.77
CA ALA A 131 5.37 -0.82 -4.45
C ALA A 131 4.53 -0.02 -3.45
N SER A 132 5.12 0.32 -2.32
CA SER A 132 4.41 1.03 -1.27
C SER A 132 5.06 2.40 -0.99
N VAL A 133 4.31 3.46 -1.24
CA VAL A 133 4.81 4.83 -1.14
C VAL A 133 4.15 5.48 0.04
N SER A 134 4.93 6.14 0.90
CA SER A 134 4.42 6.80 2.12
C SER A 134 4.54 8.30 2.11
N PHE A 135 3.53 8.96 2.67
CA PHE A 135 3.55 10.37 2.89
C PHE A 135 2.99 10.68 4.30
N GLY A 136 3.51 11.72 4.93
CA GLY A 136 3.05 12.13 6.26
C GLY A 136 4.02 11.74 7.34
N ALA A 137 3.49 11.36 8.49
CA ALA A 137 4.30 10.94 9.62
C ALA A 137 5.01 9.62 9.32
N SER A 138 6.23 9.52 9.83
CA SER A 138 7.02 8.31 9.78
C SER A 138 6.35 7.23 10.62
N ARG A 139 6.27 6.01 10.10
CA ARG A 139 5.66 4.92 10.87
C ARG A 139 6.54 3.68 10.70
N ASP A 140 6.74 2.96 11.80
CA ASP A 140 7.56 1.74 11.77
C ASP A 140 6.77 0.65 11.09
N PHE A 141 7.45 -0.07 10.22
CA PHE A 141 6.89 -1.19 9.50
C PHE A 141 7.71 -2.42 9.90
N VAL A 142 7.06 -3.55 10.13
CA VAL A 142 7.80 -4.67 10.68
C VAL A 142 7.50 -5.94 9.91
N PHE A 143 8.58 -6.66 9.63
CA PHE A 143 8.51 -7.96 8.98
C PHE A 143 8.73 -9.09 9.99
N ARG A 144 7.82 -10.08 9.99
CA ARG A 144 8.06 -11.33 10.73
C ARG A 144 7.86 -12.57 9.85
N HIS A 145 8.69 -13.60 10.09
CA HIS A 145 8.73 -14.85 9.29
C HIS A 145 7.58 -15.80 9.67
N LYS A 146 6.96 -16.44 8.67
CA LYS A 146 5.76 -17.27 8.89
C LYS A 146 5.97 -18.62 9.64
N ASP A 147 7.21 -18.91 10.03
CA ASP A 147 7.55 -20.09 10.85
C ASP A 147 7.98 -19.68 12.26
N SER A 148 8.19 -18.38 12.49
CA SER A 148 8.62 -17.84 13.78
C SER A 148 7.47 -17.18 14.53
N VAL A 157 13.00 -17.12 14.29
CA VAL A 157 13.53 -16.37 13.16
C VAL A 157 13.36 -14.84 13.36
N ALA A 158 14.34 -14.10 12.83
CA ALA A 158 14.56 -12.67 13.11
C ALA A 158 13.40 -11.73 12.75
N VAL A 159 13.50 -10.50 13.25
CA VAL A 159 12.53 -9.44 13.01
C VAL A 159 13.26 -8.31 12.31
N VAL A 160 12.60 -7.69 11.34
CA VAL A 160 13.20 -6.55 10.67
C VAL A 160 12.29 -5.34 10.72
N ARG A 161 12.85 -4.23 11.18
CA ARG A 161 12.09 -3.03 11.45
C ARG A 161 12.68 -1.85 10.69
N LEU A 162 11.78 -1.08 10.10
CA LEU A 162 12.11 -0.06 9.14
C LEU A 162 11.13 1.08 9.34
N PRO A 163 11.61 2.28 9.64
CA PRO A 163 10.69 3.41 9.57
C PRO A 163 10.43 3.75 8.12
N LEU A 164 9.16 3.90 7.76
CA LEU A 164 8.77 4.32 6.43
C LEU A 164 8.54 5.81 6.44
N ALA A 165 9.51 6.55 5.93
CA ALA A 165 9.52 8.00 6.03
C ALA A 165 8.73 8.70 4.92
N HIS A 166 8.51 9.98 5.15
CA HIS A 166 7.82 10.91 4.25
C HIS A 166 8.51 10.89 2.89
N GLY A 167 7.77 10.47 1.86
CA GLY A 167 8.25 10.47 0.48
C GLY A 167 9.03 9.22 0.08
N SER A 168 8.91 8.17 0.88
CA SER A 168 9.69 6.97 0.65
C SER A 168 8.95 5.97 -0.19
N LEU A 169 9.72 5.07 -0.79
CA LEU A 169 9.23 3.95 -1.57
C LEU A 169 9.82 2.67 -1.02
N LEU A 170 8.95 1.72 -0.71
CA LEU A 170 9.35 0.38 -0.34
C LEU A 170 8.89 -0.59 -1.38
N MET A 171 9.83 -1.31 -2.00
CA MET A 171 9.47 -2.39 -2.89
C MET A 171 9.56 -3.69 -2.11
N MET A 172 8.48 -4.45 -2.20
CA MET A 172 8.47 -5.78 -1.64
C MET A 172 8.55 -6.74 -2.82
N ASN A 173 9.76 -7.26 -3.03
CA ASN A 173 10.08 -8.12 -4.16
C ASN A 173 9.87 -9.53 -3.71
N HIS A 174 9.41 -10.37 -4.62
CA HIS A 174 9.44 -11.83 -4.45
C HIS A 174 10.79 -12.29 -3.86
N PRO A 175 10.75 -13.20 -2.87
CA PRO A 175 9.60 -13.87 -2.26
C PRO A 175 9.19 -13.30 -0.88
N THR A 176 9.47 -12.01 -0.63
CA THR A 176 9.15 -11.39 0.67
C THR A 176 7.76 -11.79 1.18
N ASN A 177 6.76 -11.60 0.31
CA ASN A 177 5.37 -11.76 0.70
C ASN A 177 4.89 -13.21 0.89
N THR A 178 5.62 -14.19 0.36
CA THR A 178 5.27 -15.59 0.66
C THR A 178 5.77 -16.08 2.06
N HIS A 179 6.99 -15.72 2.47
CA HIS A 179 7.60 -16.28 3.71
C HIS A 179 7.49 -15.39 4.96
N TRP A 180 7.18 -14.11 4.79
CA TRP A 180 7.15 -13.17 5.93
C TRP A 180 5.78 -12.47 6.01
N TYR A 181 5.22 -12.34 7.22
CA TYR A 181 4.04 -11.47 7.43
C TYR A 181 4.51 -10.08 7.82
N HIS A 182 3.76 -9.08 7.36
CA HIS A 182 4.07 -7.69 7.68
C HIS A 182 3.01 -7.05 8.59
N SER A 183 3.43 -6.04 9.32
CA SER A 183 2.51 -5.25 10.14
C SER A 183 2.96 -3.79 10.24
N LEU A 184 2.01 -2.92 10.58
CA LEU A 184 2.28 -1.53 10.93
C LEU A 184 1.70 -1.36 12.32
N PRO A 185 2.53 -1.52 13.37
CA PRO A 185 1.96 -1.57 14.71
C PRO A 185 1.59 -0.20 15.25
N VAL A 186 0.75 -0.21 16.29
CA VAL A 186 0.34 1.01 16.99
C VAL A 186 1.59 1.73 17.49
N ARG A 187 1.61 3.05 17.43
CA ARG A 187 2.69 3.86 18.00
C ARG A 187 2.10 5.09 18.64
N LYS A 188 1.82 5.00 19.94
CA LYS A 188 1.07 6.02 20.68
C LYS A 188 1.56 7.45 20.53
N LYS A 189 2.87 7.60 20.38
CA LYS A 189 3.48 8.92 20.35
C LYS A 189 3.32 9.62 18.99
N VAL A 190 2.92 8.89 17.96
CA VAL A 190 2.70 9.50 16.66
C VAL A 190 1.29 10.11 16.65
N LEU A 191 1.23 11.43 16.46
CA LEU A 191 -0.03 12.12 16.55
C LEU A 191 -0.54 12.57 15.20
N ALA A 192 0.31 12.49 14.16
CA ALA A 192 -0.02 13.05 12.85
C ALA A 192 -0.34 11.94 11.85
N PRO A 193 -1.04 12.29 10.76
CA PRO A 193 -1.50 11.28 9.80
C PRO A 193 -0.45 10.75 8.82
N ARG A 194 -0.66 9.53 8.36
CA ARG A 194 0.15 8.94 7.33
C ARG A 194 -0.76 8.43 6.23
N VAL A 195 -0.39 8.71 4.98
CA VAL A 195 -1.04 8.12 3.82
C VAL A 195 -0.08 7.16 3.14
N ASN A 196 -0.58 5.98 2.80
CA ASN A 196 0.19 5.00 2.12
C ASN A 196 -0.48 4.59 0.82
N LEU A 197 0.31 4.52 -0.25
CA LEU A 197 -0.14 4.04 -1.55
C LEU A 197 0.56 2.76 -1.96
N THR A 198 -0.22 1.72 -2.19
CA THR A 198 0.28 0.42 -2.61
C THR A 198 -0.09 0.17 -4.03
N PHE A 199 0.92 0.24 -4.92
CA PHE A 199 0.72 0.04 -6.33
C PHE A 199 0.93 -1.43 -6.67
N ARG A 200 0.11 -1.97 -7.57
CA ARG A 200 0.17 -3.39 -7.96
C ARG A 200 -0.05 -3.45 -9.43
N LYS A 201 0.21 -4.62 -9.99
CA LYS A 201 -0.27 -4.93 -11.32
C LYS A 201 -1.28 -6.05 -11.18
N ILE A 202 -2.53 -5.75 -11.47
CA ILE A 202 -3.58 -6.76 -11.45
C ILE A 202 -3.50 -7.55 -12.75
N LEU A 203 -3.48 -8.87 -12.64
CA LEU A 203 -3.58 -9.76 -13.79
C LEU A 203 -4.90 -9.61 -14.54
N LEU A 204 -4.84 -9.54 -15.88
CA LEU A 204 -6.05 -9.58 -16.70
C LEU A 204 -6.53 -11.03 -16.96
N MET A 205 -5.70 -12.01 -16.59
CA MET A 205 -6.12 -13.41 -16.55
C MET A 205 -6.85 -13.71 -15.25
#